data_6QOR
#
_entry.id   6QOR
#
_cell.length_a   74.915
_cell.length_b   77.088
_cell.length_c   87.278
_cell.angle_alpha   90.000
_cell.angle_beta   90.000
_cell.angle_gamma   90.000
#
_symmetry.space_group_name_H-M   'P 21 21 21'
#
loop_
_entity.id
_entity.type
_entity.pdbx_description
1 polymer 'tRNA (guanine-N(1)-)-methyltransferase'
2 non-polymer 2-azanyl-3-nitro-phenol
3 non-polymer 'SULFATE ION'
4 water water
#
_entity_poly.entity_id   1
_entity_poly.type   'polypeptide(L)'
_entity_poly.pdbx_seq_one_letter_code
;GSMKIDVVTIFPEYLQPVRQSLPGKAIDAGLVDVAVHDLRRWTHDVHKSVDDSPYGGGPGMVMKPTVWGDALDEICTSET
LLVVPTPAGYPFTQETAWQWSTEDHLVIACGRYEGIDQRVADDAATRMRVREVSIGDYVLNGGEAAALVIIEAVLRLVPG
VLGNALSAQEDSHSEGMASLLEGPSYTRPPSWRGMDVPPVLLSGDHAKIAAWRAEQSRQRTIERRPDLLGFDSPTGEHGG
DGLS
;
_entity_poly.pdbx_strand_id   A,B
#
loop_
_chem_comp.id
_chem_comp.type
_chem_comp.name
_chem_comp.formula
JBK non-polymer 2-azanyl-3-nitro-phenol 'C6 H6 N2 O3'
SO4 non-polymer 'SULFATE ION' 'O4 S -2'
#
# COMPACT_ATOMS: atom_id res chain seq x y z
N SER A 2 3.60 -11.53 -19.93
CA SER A 2 2.77 -12.64 -19.48
C SER A 2 3.12 -13.05 -18.05
N MET A 3 2.32 -12.61 -17.08
CA MET A 3 2.61 -12.89 -15.68
C MET A 3 1.48 -13.66 -14.99
N LYS A 4 1.87 -14.64 -14.19
CA LYS A 4 0.98 -15.32 -13.27
C LYS A 4 1.34 -14.88 -11.85
N ILE A 5 0.35 -14.41 -11.10
CA ILE A 5 0.56 -14.11 -9.69
C ILE A 5 -0.29 -15.03 -8.86
N ASP A 6 0.33 -15.79 -7.96
CA ASP A 6 -0.39 -16.56 -6.96
C ASP A 6 -0.25 -15.88 -5.60
N VAL A 7 -1.36 -15.69 -4.92
CA VAL A 7 -1.33 -15.07 -3.59
C VAL A 7 -1.84 -16.09 -2.58
N VAL A 8 -1.11 -16.27 -1.49
CA VAL A 8 -1.49 -17.21 -0.45
C VAL A 8 -1.76 -16.43 0.83
N THR A 9 -2.92 -16.66 1.45
CA THR A 9 -3.41 -15.82 2.53
C THR A 9 -4.46 -16.55 3.36
N ILE A 10 -4.60 -16.21 4.64
CA ILE A 10 -5.72 -16.77 5.37
C ILE A 10 -6.98 -15.92 5.21
N PHE A 11 -6.88 -14.81 4.47
CA PHE A 11 -8.06 -13.99 4.16
C PHE A 11 -8.22 -13.81 2.66
N PRO A 12 -8.49 -14.90 1.93
CA PRO A 12 -8.57 -14.80 0.46
C PRO A 12 -9.61 -13.79 0.00
N GLU A 13 -10.63 -13.58 0.79
CA GLU A 13 -11.69 -12.65 0.45
C GLU A 13 -11.15 -11.23 0.25
N TYR A 14 -10.07 -10.92 0.94
CA TYR A 14 -9.46 -9.60 0.86
C TYR A 14 -8.94 -9.31 -0.56
N LEU A 15 -8.53 -10.35 -1.27
CA LEU A 15 -7.86 -10.15 -2.56
C LEU A 15 -8.81 -10.27 -3.76
N GLN A 16 -10.06 -10.68 -3.52
CA GLN A 16 -10.97 -10.95 -4.63
C GLN A 16 -11.29 -9.74 -5.53
N PRO A 17 -11.47 -8.54 -4.93
CA PRO A 17 -11.75 -7.42 -5.84
C PRO A 17 -10.63 -7.06 -6.82
N VAL A 18 -9.37 -7.26 -6.45
CA VAL A 18 -8.30 -6.96 -7.41
C VAL A 18 -8.33 -7.97 -8.56
N ARG A 19 -8.74 -9.20 -8.28
CA ARG A 19 -8.93 -10.20 -9.33
C ARG A 19 -9.95 -9.74 -10.36
N GLN A 20 -11.10 -9.30 -9.86
CA GLN A 20 -12.21 -8.90 -10.71
C GLN A 20 -11.95 -7.57 -11.38
N SER A 21 -10.96 -6.83 -10.88
CA SER A 21 -10.62 -5.51 -11.41
C SER A 21 -9.74 -5.59 -12.65
N LEU A 22 -9.19 -6.78 -12.90
CA LEU A 22 -8.31 -6.99 -14.05
C LEU A 22 -9.08 -6.81 -15.36
N PRO A 23 -8.53 -6.02 -16.29
CA PRO A 23 -9.16 -5.80 -17.59
C PRO A 23 -9.41 -7.11 -18.34
N GLY A 24 -10.63 -7.27 -18.87
CA GLY A 24 -11.00 -8.48 -19.57
C GLY A 24 -10.12 -8.76 -20.77
N LYS A 25 -9.71 -7.71 -21.48
CA LYS A 25 -8.87 -7.85 -22.65
C LYS A 25 -7.51 -8.47 -22.31
N ALA A 26 -6.95 -8.11 -21.16
CA ALA A 26 -5.64 -8.61 -20.78
C ALA A 26 -5.70 -10.07 -20.38
N ILE A 27 -6.82 -10.45 -19.75
CA ILE A 27 -7.03 -11.83 -19.35
C ILE A 27 -7.26 -12.72 -20.57
N ASP A 28 -8.08 -12.24 -21.49
CA ASP A 28 -8.39 -12.99 -22.71
C ASP A 28 -7.17 -13.15 -23.61
N ALA A 29 -6.25 -12.20 -23.54
CA ALA A 29 -5.02 -12.25 -24.32
C ALA A 29 -3.96 -13.06 -23.60
N GLY A 30 -4.32 -13.58 -22.42
CA GLY A 30 -3.41 -14.37 -21.62
C GLY A 30 -2.19 -13.59 -21.14
N LEU A 31 -2.38 -12.30 -20.93
CA LEU A 31 -1.28 -11.45 -20.48
C LEU A 31 -1.06 -11.59 -18.97
N VAL A 32 -2.15 -11.84 -18.25
CA VAL A 32 -2.09 -11.84 -16.80
C VAL A 32 -3.10 -12.79 -16.20
N ASP A 33 -2.73 -13.37 -15.07
CA ASP A 33 -3.67 -14.16 -14.29
C ASP A 33 -3.31 -13.97 -12.82
N VAL A 34 -4.32 -13.77 -11.98
CA VAL A 34 -4.11 -13.67 -10.54
C VAL A 34 -4.98 -14.72 -9.87
N ALA A 35 -4.35 -15.59 -9.10
CA ALA A 35 -5.08 -16.62 -8.38
C ALA A 35 -4.85 -16.43 -6.89
N VAL A 36 -5.90 -16.61 -6.11
CA VAL A 36 -5.79 -16.41 -4.66
C VAL A 36 -6.09 -17.73 -3.96
N HIS A 37 -5.24 -18.09 -3.01
CA HIS A 37 -5.32 -19.38 -2.32
C HIS A 37 -5.47 -19.22 -0.83
N ASP A 38 -6.42 -19.95 -0.25
CA ASP A 38 -6.59 -19.99 1.20
C ASP A 38 -5.50 -20.87 1.80
N LEU A 39 -4.62 -20.28 2.61
CA LEU A 39 -3.57 -21.04 3.28
C LEU A 39 -4.10 -22.27 4.03
N ARG A 40 -5.34 -22.19 4.53
CA ARG A 40 -5.85 -23.27 5.37
C ARG A 40 -6.05 -24.55 4.56
N ARG A 41 -6.01 -24.44 3.23
CA ARG A 41 -6.04 -25.62 2.38
C ARG A 41 -4.87 -26.58 2.68
N TRP A 42 -3.79 -26.04 3.24
CA TRP A 42 -2.60 -26.84 3.53
C TRP A 42 -2.38 -27.12 5.02
N THR A 43 -3.39 -26.87 5.85
CA THR A 43 -3.29 -27.23 7.26
C THR A 43 -3.41 -28.75 7.45
N HIS A 44 -2.94 -29.25 8.59
CA HIS A 44 -2.84 -30.70 8.84
C HIS A 44 -3.90 -31.24 9.75
N ASP A 45 -4.63 -30.36 10.42
CA ASP A 45 -5.51 -30.76 11.51
C ASP A 45 -6.94 -30.29 11.31
N VAL A 46 -7.87 -30.88 12.06
CA VAL A 46 -9.27 -30.58 11.87
C VAL A 46 -9.57 -29.16 12.36
N HIS A 47 -8.67 -28.59 13.17
CA HIS A 47 -8.87 -27.22 13.62
C HIS A 47 -8.25 -26.19 12.68
N LYS A 48 -7.61 -26.68 11.61
CA LYS A 48 -7.04 -25.82 10.57
C LYS A 48 -6.10 -24.77 11.15
N SER A 49 -5.18 -25.24 11.98
CA SER A 49 -4.23 -24.36 12.66
C SER A 49 -3.17 -23.80 11.73
N VAL A 50 -2.98 -22.48 11.73
CA VAL A 50 -1.93 -21.88 10.92
C VAL A 50 -0.83 -21.22 11.74
N ASP A 51 -0.98 -21.17 13.07
CA ASP A 51 -0.02 -20.47 13.91
C ASP A 51 0.25 -21.19 15.22
N ASP A 52 1.29 -20.76 15.94
CA ASP A 52 1.73 -21.44 17.15
C ASP A 52 2.61 -20.46 17.93
N SER A 53 2.89 -20.76 19.19
CA SER A 53 3.61 -19.81 20.04
C SER A 53 5.07 -19.66 19.62
N PRO A 54 5.63 -18.44 19.81
CA PRO A 54 7.00 -18.17 19.40
C PRO A 54 8.05 -18.81 20.32
N TYR A 55 9.06 -19.46 19.75
CA TYR A 55 10.20 -19.90 20.54
C TYR A 55 10.91 -18.67 21.10
N GLY A 56 11.27 -18.74 22.38
CA GLY A 56 11.96 -17.65 23.03
C GLY A 56 10.99 -16.63 23.62
N GLY A 57 9.71 -16.90 23.47
CA GLY A 57 8.70 -16.03 24.05
C GLY A 57 8.41 -14.80 23.20
N GLY A 58 7.53 -13.96 23.73
CA GLY A 58 7.14 -12.76 23.02
C GLY A 58 5.64 -12.71 22.86
N PRO A 59 5.14 -11.62 22.26
CA PRO A 59 3.72 -11.42 22.06
C PRO A 59 3.23 -12.17 20.82
N GLY A 60 1.96 -12.52 20.81
CA GLY A 60 1.36 -13.06 19.61
C GLY A 60 1.96 -14.36 19.13
N MET A 61 1.61 -14.74 17.91
CA MET A 61 1.88 -16.07 17.40
C MET A 61 2.70 -16.00 16.13
N VAL A 62 3.24 -17.14 15.74
CA VAL A 62 4.08 -17.24 14.55
C VAL A 62 3.44 -18.24 13.60
N MET A 63 3.41 -17.95 12.31
CA MET A 63 2.78 -18.89 11.38
C MET A 63 3.66 -20.13 11.19
N LYS A 64 2.99 -21.26 11.13
CA LYS A 64 3.66 -22.56 11.14
C LYS A 64 4.46 -22.88 9.88
N PRO A 65 5.69 -23.39 10.05
CA PRO A 65 6.47 -23.68 8.84
C PRO A 65 5.95 -24.90 8.07
N THR A 66 5.37 -25.88 8.76
CA THR A 66 4.93 -27.07 8.06
C THR A 66 3.77 -26.78 7.11
N VAL A 67 2.88 -25.86 7.50
CA VAL A 67 1.77 -25.46 6.66
C VAL A 67 2.25 -24.64 5.46
N TRP A 68 3.04 -23.61 5.74
CA TRP A 68 3.58 -22.79 4.67
C TRP A 68 4.49 -23.57 3.72
N GLY A 69 5.28 -24.48 4.27
CA GLY A 69 6.17 -25.29 3.45
C GLY A 69 5.41 -26.11 2.42
N ASP A 70 4.31 -26.72 2.86
CA ASP A 70 3.48 -27.51 1.95
C ASP A 70 2.82 -26.64 0.87
N ALA A 71 2.33 -25.46 1.28
CA ALA A 71 1.68 -24.54 0.34
C ALA A 71 2.68 -24.12 -0.74
N LEU A 72 3.87 -23.70 -0.31
CA LEU A 72 4.84 -23.21 -1.28
C LEU A 72 5.42 -24.33 -2.15
N ASP A 73 5.57 -25.53 -1.59
CA ASP A 73 5.98 -26.70 -2.37
C ASP A 73 5.05 -26.93 -3.55
N GLU A 74 3.75 -26.75 -3.32
CA GLU A 74 2.76 -27.03 -4.36
C GLU A 74 2.71 -25.93 -5.40
N ILE A 75 2.83 -24.68 -4.95
CA ILE A 75 2.61 -23.52 -5.81
CA ILE A 75 2.60 -23.54 -5.83
C ILE A 75 3.88 -23.06 -6.54
N CYS A 76 5.01 -23.12 -5.86
CA CYS A 76 6.24 -22.58 -6.45
C CYS A 76 7.02 -23.57 -7.30
N THR A 77 7.78 -23.03 -8.25
CA THR A 77 8.81 -23.78 -8.94
C THR A 77 10.15 -23.07 -8.81
N SER A 78 11.19 -23.64 -9.41
CA SER A 78 12.51 -23.01 -9.38
C SER A 78 12.52 -21.62 -10.06
N GLU A 79 11.55 -21.36 -10.93
CA GLU A 79 11.50 -20.10 -11.65
C GLU A 79 10.67 -19.03 -10.95
N THR A 80 10.00 -19.42 -9.87
CA THR A 80 9.16 -18.48 -9.12
C THR A 80 9.96 -17.39 -8.46
N LEU A 81 9.43 -16.17 -8.48
CA LEU A 81 9.91 -15.11 -7.59
C LEU A 81 8.97 -15.06 -6.39
N LEU A 82 9.48 -15.47 -5.22
CA LEU A 82 8.66 -15.50 -4.02
C LEU A 82 8.78 -14.18 -3.28
N VAL A 83 7.66 -13.49 -3.13
CA VAL A 83 7.58 -12.18 -2.49
C VAL A 83 6.97 -12.35 -1.11
N VAL A 84 7.65 -11.87 -0.07
CA VAL A 84 7.13 -12.00 1.27
C VAL A 84 7.01 -10.60 1.88
N PRO A 85 5.80 -10.04 1.92
CA PRO A 85 5.71 -8.73 2.52
C PRO A 85 5.95 -8.83 4.01
N THR A 86 6.58 -7.91 4.64
CA THR A 86 7.09 -7.82 5.99
C THR A 86 7.66 -6.44 6.20
N PRO A 87 7.19 -6.02 7.51
CA PRO A 87 7.69 -4.73 7.93
C PRO A 87 9.22 -4.73 8.04
N ALA A 88 9.83 -5.89 8.10
CA ALA A 88 11.27 -5.98 8.22
C ALA A 88 11.96 -6.21 6.87
N GLY A 89 11.24 -5.98 5.77
CA GLY A 89 11.79 -6.21 4.45
C GLY A 89 12.64 -5.09 3.89
N TYR A 90 13.29 -5.37 2.76
CA TYR A 90 13.89 -4.31 1.96
C TYR A 90 12.76 -3.42 1.43
N PRO A 91 13.04 -2.14 1.19
CA PRO A 91 11.96 -1.31 0.67
C PRO A 91 11.48 -1.71 -0.73
N PHE A 92 10.16 -1.83 -0.87
CA PHE A 92 9.55 -1.98 -2.18
C PHE A 92 9.43 -0.61 -2.82
N THR A 93 10.08 -0.43 -3.97
CA THR A 93 10.07 0.84 -4.68
C THR A 93 9.59 0.66 -6.10
N GLN A 94 9.45 1.77 -6.83
CA GLN A 94 9.04 1.69 -8.22
C GLN A 94 10.08 0.93 -9.06
N GLU A 95 11.36 1.05 -8.69
CA GLU A 95 12.40 0.27 -9.36
C GLU A 95 12.17 -1.22 -9.16
N THR A 96 11.79 -1.60 -7.93
CA THR A 96 11.41 -2.99 -7.66
C THR A 96 10.26 -3.42 -8.57
N ALA A 97 9.23 -2.60 -8.65
CA ALA A 97 8.05 -2.93 -9.46
C ALA A 97 8.44 -3.17 -10.90
N TRP A 98 9.30 -2.32 -11.44
CA TRP A 98 9.80 -2.45 -12.80
C TRP A 98 10.51 -3.77 -13.00
N GLN A 99 11.40 -4.10 -12.06
CA GLN A 99 12.16 -5.35 -12.15
C GLN A 99 11.23 -6.55 -12.15
N TRP A 100 10.22 -6.52 -11.28
CA TRP A 100 9.33 -7.68 -11.14
C TRP A 100 8.32 -7.78 -12.27
N SER A 101 8.11 -6.69 -13.01
CA SER A 101 7.07 -6.67 -14.04
C SER A 101 7.40 -7.56 -15.22
N THR A 102 8.64 -8.03 -15.31
CA THR A 102 9.01 -8.90 -16.42
C THR A 102 9.02 -10.38 -16.03
N GLU A 103 8.69 -10.68 -14.76
CA GLU A 103 8.70 -12.05 -14.25
C GLU A 103 7.55 -12.89 -14.80
N ASP A 104 7.80 -14.18 -15.00
CA ASP A 104 6.75 -15.09 -15.44
C ASP A 104 5.80 -15.45 -14.31
N HIS A 105 6.33 -15.53 -13.09
CA HIS A 105 5.58 -16.07 -11.97
C HIS A 105 5.98 -15.43 -10.65
N LEU A 106 5.05 -14.69 -10.05
CA LEU A 106 5.19 -14.17 -8.70
C LEU A 106 4.30 -14.96 -7.75
N VAL A 107 4.82 -15.30 -6.58
CA VAL A 107 4.01 -15.87 -5.53
C VAL A 107 4.14 -14.95 -4.34
N ILE A 108 3.01 -14.48 -3.82
CA ILE A 108 3.03 -13.57 -2.71
C ILE A 108 2.51 -14.29 -1.47
N ALA A 109 3.39 -14.43 -0.48
CA ALA A 109 3.04 -15.09 0.78
C ALA A 109 2.65 -14.07 1.84
N CYS A 110 1.35 -13.96 2.11
CA CYS A 110 0.87 -12.99 3.09
C CYS A 110 0.89 -13.54 4.49
N GLY A 111 1.64 -12.88 5.36
CA GLY A 111 1.69 -13.29 6.75
C GLY A 111 0.69 -12.55 7.62
N ARG A 112 0.49 -13.09 8.82
CA ARG A 112 -0.36 -12.47 9.83
C ARG A 112 0.34 -12.69 11.16
N TYR A 113 -0.37 -12.39 12.25
CA TYR A 113 0.21 -12.50 13.60
C TYR A 113 1.57 -11.81 13.58
N GLU A 114 2.59 -12.43 14.17
CA GLU A 114 3.89 -11.79 14.22
C GLU A 114 4.81 -12.17 13.05
N GLY A 115 4.26 -12.86 12.05
CA GLY A 115 5.01 -13.23 10.86
C GLY A 115 5.13 -14.72 10.66
N ILE A 116 5.84 -15.11 9.61
CA ILE A 116 6.02 -16.51 9.24
C ILE A 116 7.36 -17.03 9.75
N ASP A 117 7.37 -18.24 10.32
CA ASP A 117 8.61 -18.89 10.76
C ASP A 117 9.71 -18.65 9.73
N GLN A 118 10.86 -18.14 10.15
CA GLN A 118 11.89 -17.71 9.20
C GLN A 118 12.43 -18.85 8.33
N ARG A 119 12.31 -20.09 8.80
CA ARG A 119 12.82 -21.19 7.99
C ARG A 119 12.06 -21.39 6.70
N VAL A 120 10.82 -20.88 6.62
CA VAL A 120 10.07 -21.00 5.38
C VAL A 120 10.78 -20.27 4.25
N ALA A 121 11.08 -19.00 4.47
CA ALA A 121 11.75 -18.21 3.45
C ALA A 121 13.17 -18.72 3.24
N ASP A 122 13.84 -19.09 4.34
CA ASP A 122 15.23 -19.55 4.22
C ASP A 122 15.32 -20.83 3.40
N ASP A 123 14.41 -21.78 3.64
CA ASP A 123 14.34 -23.00 2.84
C ASP A 123 14.03 -22.69 1.39
N ALA A 124 13.02 -21.87 1.17
CA ALA A 124 12.63 -21.51 -0.20
C ALA A 124 13.81 -20.89 -0.95
N ALA A 125 14.59 -20.08 -0.24
CA ALA A 125 15.70 -19.36 -0.86
C ALA A 125 16.82 -20.28 -1.34
N THR A 126 16.80 -21.55 -0.93
CA THR A 126 17.81 -22.49 -1.41
C THR A 126 17.46 -23.05 -2.79
N ARG A 127 16.27 -22.74 -3.32
CA ARG A 127 15.95 -23.26 -4.65
C ARG A 127 15.15 -22.31 -5.53
N MET A 128 14.85 -21.12 -5.02
CA MET A 128 14.22 -20.08 -5.84
C MET A 128 14.62 -18.71 -5.32
N ARG A 129 14.30 -17.66 -6.10
CA ARG A 129 14.57 -16.29 -5.67
C ARG A 129 13.51 -15.83 -4.68
N VAL A 130 13.95 -15.32 -3.53
CA VAL A 130 13.03 -14.89 -2.48
C VAL A 130 13.30 -13.43 -2.16
N ARG A 131 12.23 -12.65 -2.02
CA ARG A 131 12.35 -11.22 -1.71
C ARG A 131 11.44 -10.84 -0.56
N GLU A 132 12.03 -10.49 0.57
CA GLU A 132 11.27 -9.93 1.68
C GLU A 132 11.24 -8.42 1.51
N VAL A 133 10.05 -7.85 1.45
CA VAL A 133 9.93 -6.42 1.16
C VAL A 133 8.88 -5.75 2.03
N SER A 134 9.09 -4.46 2.27
CA SER A 134 8.13 -3.63 2.99
CA SER A 134 8.12 -3.63 2.98
C SER A 134 7.60 -2.52 2.08
N ILE A 135 6.31 -2.22 2.16
CA ILE A 135 5.75 -1.13 1.33
C ILE A 135 5.77 0.20 2.04
N GLY A 136 6.10 0.19 3.33
CA GLY A 136 6.18 1.43 4.08
C GLY A 136 6.42 1.24 5.55
N ASP A 137 6.64 2.33 6.24
CA ASP A 137 6.92 2.35 7.64
C ASP A 137 5.73 2.70 8.48
N TYR A 138 4.74 1.89 8.35
CA TYR A 138 3.53 1.92 9.12
C TYR A 138 3.27 0.45 9.47
N VAL A 139 2.45 0.22 10.47
CA VAL A 139 2.21 -1.14 10.88
C VAL A 139 0.86 -1.62 10.48
N LEU A 140 0.84 -2.73 9.79
CA LEU A 140 -0.39 -3.39 9.37
C LEU A 140 -0.64 -4.62 10.24
N ASN A 141 -1.85 -5.17 10.15
CA ASN A 141 -2.16 -6.40 10.86
C ASN A 141 -1.61 -7.61 10.12
N GLY A 142 -1.44 -7.47 8.81
CA GLY A 142 -0.94 -8.59 8.02
C GLY A 142 -0.57 -8.13 6.63
N GLY A 143 -0.08 -9.05 5.81
CA GLY A 143 0.46 -8.70 4.49
C GLY A 143 -0.50 -8.45 3.35
N GLU A 144 -1.80 -8.66 3.55
CA GLU A 144 -2.74 -8.56 2.42
C GLU A 144 -2.80 -7.18 1.77
N ALA A 145 -2.82 -6.11 2.58
CA ALA A 145 -2.89 -4.77 2.01
C ALA A 145 -1.61 -4.48 1.23
N ALA A 146 -0.49 -4.99 1.74
CA ALA A 146 0.81 -4.83 1.07
C ALA A 146 0.81 -5.60 -0.25
N ALA A 147 0.24 -6.81 -0.26
CA ALA A 147 0.11 -7.57 -1.50
C ALA A 147 -0.70 -6.82 -2.54
N LEU A 148 -1.76 -6.16 -2.08
CA LEU A 148 -2.61 -5.41 -2.98
C LEU A 148 -1.84 -4.26 -3.64
N VAL A 149 -1.06 -3.56 -2.84
CA VAL A 149 -0.22 -2.46 -3.35
C VAL A 149 0.81 -2.98 -4.35
N ILE A 150 1.47 -4.09 -4.01
CA ILE A 150 2.49 -4.66 -4.87
C ILE A 150 1.89 -5.14 -6.20
N ILE A 151 0.74 -5.81 -6.12
CA ILE A 151 0.09 -6.30 -7.32
C ILE A 151 -0.28 -5.13 -8.23
N GLU A 152 -0.84 -4.07 -7.67
CA GLU A 152 -1.23 -2.93 -8.49
C GLU A 152 0.01 -2.28 -9.13
N ALA A 153 1.05 -2.04 -8.35
CA ALA A 153 2.24 -1.36 -8.84
C ALA A 153 2.95 -2.18 -9.91
N VAL A 154 2.98 -3.49 -9.73
CA VAL A 154 3.68 -4.34 -10.69
C VAL A 154 2.85 -4.51 -11.96
N LEU A 155 1.57 -4.83 -11.82
CA LEU A 155 0.77 -5.15 -12.99
C LEU A 155 0.54 -3.98 -13.93
N ARG A 156 0.55 -2.75 -13.41
CA ARG A 156 0.32 -1.66 -14.35
C ARG A 156 1.56 -1.43 -15.24
N LEU A 157 2.68 -2.08 -14.91
CA LEU A 157 3.90 -2.01 -15.73
C LEU A 157 4.02 -3.16 -16.71
N VAL A 158 3.19 -4.19 -16.53
CA VAL A 158 3.19 -5.31 -17.47
C VAL A 158 2.62 -4.84 -18.79
N PRO A 159 3.41 -4.96 -19.87
CA PRO A 159 2.97 -4.50 -21.19
C PRO A 159 1.62 -5.10 -21.54
N GLY A 160 0.62 -4.24 -21.74
CA GLY A 160 -0.69 -4.71 -22.10
C GLY A 160 -1.77 -4.40 -21.09
N VAL A 161 -1.50 -4.78 -19.84
CA VAL A 161 -2.50 -4.75 -18.79
C VAL A 161 -3.20 -3.38 -18.68
N LEU A 162 -2.44 -2.30 -18.88
CA LEU A 162 -3.00 -0.95 -18.75
C LEU A 162 -3.93 -0.53 -19.89
N GLY A 163 -3.85 -1.22 -21.03
CA GLY A 163 -4.79 -0.97 -22.11
C GLY A 163 -4.24 -0.26 -23.33
N ASN A 164 -5.12 -0.14 -24.35
CA ASN A 164 -4.90 0.34 -25.72
C ASN A 164 -4.77 -0.83 -26.71
N SER A 179 13.77 11.97 -7.48
CA SER A 179 13.29 12.90 -8.48
C SER A 179 12.60 14.09 -7.84
N LEU A 180 11.50 14.54 -8.44
CA LEU A 180 10.71 15.63 -7.90
C LEU A 180 9.23 15.25 -7.91
N LEU A 181 8.48 15.82 -6.97
CA LEU A 181 7.04 15.60 -6.90
C LEU A 181 6.29 16.34 -8.00
N GLU A 182 5.16 15.79 -8.44
CA GLU A 182 4.28 16.48 -9.37
C GLU A 182 3.64 17.67 -8.67
N GLY A 183 3.58 18.81 -9.35
CA GLY A 183 2.90 19.96 -8.81
C GLY A 183 1.40 19.86 -8.98
N PRO A 184 0.68 20.95 -8.67
CA PRO A 184 -0.79 20.94 -8.74
C PRO A 184 -1.30 20.87 -10.16
N SER A 185 -2.47 20.26 -10.33
CA SER A 185 -3.12 20.15 -11.62
CA SER A 185 -3.10 20.19 -11.63
C SER A 185 -4.49 20.80 -11.59
N TYR A 186 -4.97 21.24 -12.75
CA TYR A 186 -6.23 21.93 -12.86
C TYR A 186 -6.98 21.50 -14.10
N THR A 187 -8.31 21.51 -14.01
CA THR A 187 -9.13 21.39 -15.21
C THR A 187 -10.37 22.30 -15.10
N ARG A 188 -11.29 22.18 -16.06
CA ARG A 188 -12.48 23.04 -16.07
C ARG A 188 -13.30 22.89 -14.79
N PRO A 189 -13.95 23.97 -14.35
CA PRO A 189 -14.03 25.30 -14.96
C PRO A 189 -12.86 26.21 -14.58
N PRO A 190 -12.62 27.26 -15.38
CA PRO A 190 -11.49 28.17 -15.13
C PRO A 190 -11.60 28.92 -13.81
N SER A 191 -12.83 29.09 -13.33
CA SER A 191 -13.06 29.70 -12.02
CA SER A 191 -13.08 29.72 -12.03
C SER A 191 -14.04 28.86 -11.21
N TRP A 192 -13.69 28.59 -9.96
CA TRP A 192 -14.51 27.71 -9.14
C TRP A 192 -14.39 28.11 -7.68
N ARG A 193 -15.52 28.44 -7.07
CA ARG A 193 -15.58 28.85 -5.66
C ARG A 193 -14.53 29.91 -5.30
N GLY A 194 -14.39 30.89 -6.19
CA GLY A 194 -13.51 32.01 -5.96
C GLY A 194 -12.06 31.77 -6.34
N MET A 195 -11.76 30.60 -6.88
CA MET A 195 -10.38 30.23 -7.18
C MET A 195 -10.17 30.06 -8.68
N ASP A 196 -9.27 30.86 -9.23
CA ASP A 196 -8.98 30.81 -10.66
C ASP A 196 -7.81 29.87 -10.95
N VAL A 197 -7.90 29.14 -12.06
CA VAL A 197 -6.75 28.42 -12.57
C VAL A 197 -5.62 29.42 -12.81
N PRO A 198 -4.39 29.08 -12.39
CA PRO A 198 -3.25 29.97 -12.64
C PRO A 198 -3.18 30.42 -14.10
N PRO A 199 -3.19 31.74 -14.34
CA PRO A 199 -3.29 32.24 -15.71
C PRO A 199 -2.19 31.75 -16.65
N VAL A 200 -1.01 31.50 -16.11
CA VAL A 200 0.08 30.99 -16.95
C VAL A 200 -0.35 29.73 -17.74
N LEU A 201 -1.21 28.90 -17.14
CA LEU A 201 -1.60 27.65 -17.81
C LEU A 201 -2.49 27.90 -19.02
N LEU A 202 -3.11 29.08 -19.08
CA LEU A 202 -3.96 29.43 -20.20
C LEU A 202 -3.27 30.38 -21.17
N SER A 203 -1.96 30.56 -21.00
CA SER A 203 -1.22 31.58 -21.76
C SER A 203 -0.79 31.17 -23.17
N GLY A 204 -0.75 29.87 -23.45
CA GLY A 204 -0.19 29.41 -24.71
C GLY A 204 1.32 29.59 -24.84
N ASP A 205 1.98 29.89 -23.71
CA ASP A 205 3.43 30.01 -23.71
C ASP A 205 4.01 28.74 -23.10
N HIS A 206 4.31 27.74 -23.93
CA HIS A 206 4.49 26.42 -23.35
C HIS A 206 5.85 26.22 -22.70
N ALA A 207 6.85 27.02 -23.08
CA ALA A 207 8.11 27.00 -22.35
C ALA A 207 7.92 27.62 -20.96
N LYS A 208 7.13 28.70 -20.90
CA LYS A 208 6.87 29.33 -19.61
C LYS A 208 6.05 28.41 -18.70
N ILE A 209 5.08 27.71 -19.29
CA ILE A 209 4.28 26.75 -18.55
C ILE A 209 5.16 25.65 -17.96
N ALA A 210 6.09 25.12 -18.77
CA ALA A 210 6.97 24.07 -18.25
C ALA A 210 7.87 24.60 -17.12
N ALA A 211 8.33 25.84 -17.24
CA ALA A 211 9.17 26.42 -16.19
C ALA A 211 8.36 26.64 -14.91
N TRP A 212 7.10 27.02 -15.08
CA TRP A 212 6.23 27.24 -13.93
C TRP A 212 5.97 25.92 -13.22
N ARG A 213 5.69 24.89 -14.00
CA ARG A 213 5.49 23.58 -13.41
C ARG A 213 6.72 23.06 -12.70
N ALA A 214 7.89 23.31 -13.28
CA ALA A 214 9.15 22.90 -12.67
C ALA A 214 9.33 23.57 -11.33
N GLU A 215 9.03 24.86 -11.26
CA GLU A 215 9.16 25.59 -10.02
C GLU A 215 8.15 25.10 -8.97
N GLN A 216 6.92 24.80 -9.40
CA GLN A 216 5.91 24.27 -8.49
C GLN A 216 6.37 22.93 -7.91
N SER A 217 6.95 22.11 -8.78
CA SER A 217 7.51 20.83 -8.37
CA SER A 217 7.49 20.83 -8.33
C SER A 217 8.62 21.01 -7.34
N ARG A 218 9.55 21.92 -7.62
CA ARG A 218 10.63 22.16 -6.70
C ARG A 218 10.11 22.63 -5.33
N GLN A 219 9.17 23.58 -5.33
CA GLN A 219 8.59 24.09 -4.09
C GLN A 219 7.88 22.99 -3.29
N ARG A 220 7.09 22.19 -3.99
CA ARG A 220 6.32 21.16 -3.31
C ARG A 220 7.25 20.08 -2.75
N THR A 221 8.32 19.78 -3.47
CA THR A 221 9.25 18.75 -3.01
C THR A 221 9.99 19.24 -1.78
N ILE A 222 10.43 20.50 -1.80
CA ILE A 222 11.07 21.09 -0.62
C ILE A 222 10.14 21.06 0.60
N GLU A 223 8.88 21.41 0.40
CA GLU A 223 7.91 21.46 1.50
C GLU A 223 7.50 20.07 2.03
N ARG A 224 7.26 19.13 1.12
CA ARG A 224 6.65 17.86 1.51
C ARG A 224 7.63 16.69 1.59
N ARG A 225 8.68 16.75 0.79
CA ARG A 225 9.60 15.61 0.71
C ARG A 225 11.05 16.09 0.62
N PRO A 226 11.54 16.76 1.66
CA PRO A 226 12.93 17.23 1.61
C PRO A 226 13.93 16.08 1.45
N ASP A 227 13.52 14.87 1.81
CA ASP A 227 14.38 13.69 1.68
C ASP A 227 14.75 13.39 0.23
N LEU A 228 13.95 13.88 -0.70
CA LEU A 228 14.16 13.62 -2.13
C LEU A 228 15.23 14.53 -2.72
N LEU A 229 15.73 15.45 -1.90
CA LEU A 229 16.72 16.42 -2.36
C LEU A 229 18.08 16.19 -1.73
N SER B 2 -14.27 6.50 19.50
CA SER B 2 -15.14 6.18 18.36
C SER B 2 -14.71 6.95 17.12
N MET B 3 -14.81 6.32 15.96
CA MET B 3 -14.37 6.93 14.72
C MET B 3 -15.29 6.58 13.55
N LYS B 4 -15.58 7.56 12.72
CA LYS B 4 -16.31 7.33 11.48
C LYS B 4 -15.32 7.54 10.33
N ILE B 5 -15.29 6.62 9.37
CA ILE B 5 -14.48 6.84 8.16
C ILE B 5 -15.37 6.76 6.93
N ASP B 6 -15.38 7.83 6.14
CA ASP B 6 -16.05 7.84 4.84
C ASP B 6 -15.00 7.81 3.74
N VAL B 7 -15.20 6.95 2.75
CA VAL B 7 -14.28 6.86 1.61
C VAL B 7 -15.06 7.21 0.35
N VAL B 8 -14.54 8.15 -0.43
CA VAL B 8 -15.20 8.54 -1.68
C VAL B 8 -14.35 8.13 -2.86
N THR B 9 -14.95 7.39 -3.79
CA THR B 9 -14.19 6.75 -4.86
C THR B 9 -15.10 6.54 -6.08
N ILE B 10 -14.53 6.43 -7.28
CA ILE B 10 -15.33 6.01 -8.42
C ILE B 10 -15.31 4.48 -8.58
N PHE B 11 -14.61 3.80 -7.67
CA PHE B 11 -14.62 2.33 -7.63
C PHE B 11 -14.97 1.77 -6.26
N PRO B 12 -16.21 2.00 -5.80
CA PRO B 12 -16.59 1.57 -4.44
C PRO B 12 -16.42 0.06 -4.21
N GLU B 13 -16.51 -0.75 -5.26
CA GLU B 13 -16.44 -2.21 -5.13
C GLU B 13 -15.06 -2.65 -4.68
N TYR B 14 -14.07 -1.80 -4.94
CA TYR B 14 -12.70 -2.08 -4.52
C TYR B 14 -12.48 -1.89 -3.04
N LEU B 15 -13.35 -1.17 -2.34
CA LEU B 15 -13.14 -0.92 -0.91
C LEU B 15 -13.74 -2.01 -0.05
N GLN B 16 -14.26 -3.04 -0.68
CA GLN B 16 -14.89 -4.12 0.05
C GLN B 16 -13.93 -5.02 0.87
N PRO B 17 -12.60 -4.96 0.61
CA PRO B 17 -11.72 -5.57 1.61
C PRO B 17 -11.83 -5.00 3.04
N VAL B 18 -12.53 -3.88 3.26
CA VAL B 18 -12.71 -3.36 4.62
C VAL B 18 -13.91 -3.96 5.34
N ARG B 19 -14.97 -4.25 4.60
CA ARG B 19 -16.24 -4.63 5.21
C ARG B 19 -16.22 -6.09 5.62
N GLN B 20 -15.14 -6.71 5.20
CA GLN B 20 -14.92 -8.05 5.59
C GLN B 20 -14.14 -7.77 6.84
N SER B 21 -13.02 -7.08 6.74
CA SER B 21 -12.18 -6.86 7.92
C SER B 21 -12.60 -5.90 9.07
N LEU B 22 -13.85 -5.99 9.53
CA LEU B 22 -14.29 -5.12 10.60
C LEU B 22 -15.44 -5.60 11.45
N PRO B 23 -15.29 -5.55 12.77
CA PRO B 23 -16.41 -5.90 13.64
C PRO B 23 -17.64 -5.03 13.43
N VAL B 32 -16.03 1.62 15.59
CA VAL B 32 -15.75 2.31 14.34
C VAL B 32 -16.77 1.95 13.26
N ASP B 33 -17.07 2.92 12.40
CA ASP B 33 -17.89 2.67 11.22
C ASP B 33 -17.16 3.12 9.95
N VAL B 34 -17.29 2.33 8.88
CA VAL B 34 -16.69 2.69 7.59
C VAL B 34 -17.73 2.67 6.48
N ALA B 35 -17.92 3.81 5.81
CA ALA B 35 -18.88 3.91 4.73
C ALA B 35 -18.19 4.30 3.42
N VAL B 36 -18.59 3.66 2.33
CA VAL B 36 -17.97 3.90 1.03
C VAL B 36 -18.97 4.55 0.07
N HIS B 37 -18.55 5.61 -0.62
CA HIS B 37 -19.45 6.39 -1.46
C HIS B 37 -18.97 6.46 -2.90
N ASP B 38 -19.88 6.19 -3.84
CA ASP B 38 -19.58 6.36 -5.26
C ASP B 38 -19.57 7.85 -5.61
N LEU B 39 -18.44 8.35 -6.11
CA LEU B 39 -18.31 9.77 -6.43
C LEU B 39 -19.35 10.19 -7.48
N ARG B 40 -19.70 9.28 -8.37
CA ARG B 40 -20.61 9.61 -9.47
C ARG B 40 -22.04 9.94 -9.01
N ARG B 41 -22.36 9.63 -7.77
CA ARG B 41 -23.66 9.98 -7.21
C ARG B 41 -23.86 11.51 -7.18
N TRP B 42 -22.77 12.26 -7.25
CA TRP B 42 -22.84 13.71 -7.19
C TRP B 42 -22.70 14.38 -8.57
N THR B 43 -22.78 13.59 -9.63
CA THR B 43 -22.74 14.18 -10.96
C THR B 43 -24.17 14.47 -11.38
N HIS B 44 -24.36 15.46 -12.24
CA HIS B 44 -25.70 15.81 -12.71
C HIS B 44 -25.87 15.45 -14.16
N ASP B 45 -24.75 15.24 -14.84
CA ASP B 45 -24.83 14.89 -16.23
C ASP B 45 -25.11 13.44 -16.34
N VAL B 46 -25.48 13.04 -17.50
CA VAL B 46 -25.81 11.61 -17.52
C VAL B 46 -24.73 10.77 -18.17
N HIS B 47 -23.60 11.39 -18.48
CA HIS B 47 -22.39 10.64 -18.79
C HIS B 47 -21.66 10.36 -17.50
N LYS B 48 -22.12 11.01 -16.44
CA LYS B 48 -21.53 10.92 -15.11
C LYS B 48 -20.04 11.22 -15.18
N SER B 49 -19.70 12.28 -15.89
CA SER B 49 -18.30 12.61 -16.14
C SER B 49 -17.63 13.21 -14.91
N VAL B 50 -16.43 12.76 -14.61
CA VAL B 50 -15.75 13.23 -13.40
C VAL B 50 -14.40 13.84 -13.73
N ASP B 51 -14.03 13.87 -14.99
CA ASP B 51 -12.68 14.29 -15.37
C ASP B 51 -12.64 15.04 -16.69
N ASP B 52 -11.58 15.82 -16.90
CA ASP B 52 -11.36 16.49 -18.16
C ASP B 52 -9.86 16.76 -18.33
N SER B 53 -9.46 17.22 -19.52
CA SER B 53 -8.04 17.44 -19.83
C SER B 53 -7.46 18.53 -18.95
N PRO B 54 -6.15 18.43 -18.64
CA PRO B 54 -5.50 19.42 -17.78
C PRO B 54 -5.32 20.76 -18.47
N TYR B 55 -5.59 21.84 -17.74
CA TYR B 55 -5.15 23.15 -18.21
C TYR B 55 -3.63 23.16 -18.29
N GLY B 56 -3.10 23.77 -19.35
CA GLY B 56 -1.67 23.85 -19.55
C GLY B 56 -1.11 22.65 -20.28
N GLY B 57 -1.96 21.65 -20.54
CA GLY B 57 -1.52 20.48 -21.28
C GLY B 57 -0.96 19.37 -20.42
N GLY B 58 -0.55 18.29 -21.08
CA GLY B 58 -0.01 17.14 -20.38
C GLY B 58 -0.85 15.93 -20.67
N PRO B 59 -0.36 14.76 -20.28
CA PRO B 59 -1.06 13.50 -20.57
C PRO B 59 -2.21 13.24 -19.60
N GLY B 60 -3.21 12.50 -20.06
CA GLY B 60 -4.26 12.02 -19.19
C GLY B 60 -5.30 13.05 -18.79
N MET B 61 -6.00 12.76 -17.71
CA MET B 61 -7.12 13.57 -17.28
C MET B 61 -7.00 13.96 -15.82
N VAL B 62 -7.70 15.01 -15.45
CA VAL B 62 -7.72 15.51 -14.08
C VAL B 62 -9.15 15.46 -13.58
N MET B 63 -9.38 15.04 -12.35
CA MET B 63 -10.74 14.99 -11.84
C MET B 63 -11.26 16.42 -11.60
N LYS B 64 -12.47 16.69 -12.09
CA LYS B 64 -13.09 18.01 -12.00
C LYS B 64 -13.39 18.37 -10.55
N PRO B 65 -13.22 19.65 -10.19
CA PRO B 65 -13.47 20.07 -8.81
C PRO B 65 -14.96 20.11 -8.44
N THR B 66 -15.82 20.34 -9.44
CA THR B 66 -17.25 20.51 -9.19
C THR B 66 -17.87 19.30 -8.48
N VAL B 67 -17.63 18.12 -9.03
CA VAL B 67 -18.22 16.89 -8.46
C VAL B 67 -17.68 16.62 -7.06
N TRP B 68 -16.38 16.77 -6.90
CA TRP B 68 -15.75 16.60 -5.60
C TRP B 68 -16.28 17.59 -4.56
N GLY B 69 -16.43 18.85 -4.97
CA GLY B 69 -16.95 19.87 -4.09
C GLY B 69 -18.32 19.50 -3.53
N ASP B 70 -19.19 19.04 -4.40
CA ASP B 70 -20.53 18.64 -3.98
C ASP B 70 -20.52 17.44 -3.06
N ALA B 71 -19.66 16.46 -3.36
CA ALA B 71 -19.56 15.28 -2.51
C ALA B 71 -19.08 15.67 -1.12
N LEU B 72 -17.99 16.45 -1.07
CA LEU B 72 -17.39 16.77 0.20
C LEU B 72 -18.27 17.72 1.01
N ASP B 73 -19.01 18.59 0.32
CA ASP B 73 -19.99 19.46 0.98
C ASP B 73 -20.96 18.65 1.82
N GLU B 74 -21.39 17.51 1.27
CA GLU B 74 -22.42 16.69 1.91
C GLU B 74 -21.85 15.80 3.03
N ILE B 75 -20.62 15.34 2.83
CA ILE B 75 -20.01 14.34 3.70
C ILE B 75 -19.21 14.95 4.85
N CYS B 76 -18.53 16.07 4.58
CA CYS B 76 -17.64 16.68 5.56
C CYS B 76 -18.31 17.70 6.44
N THR B 77 -17.74 17.86 7.62
CA THR B 77 -18.05 18.98 8.50
C THR B 77 -16.76 19.70 8.85
N SER B 78 -16.85 20.72 9.68
CA SER B 78 -15.68 21.50 10.09
C SER B 78 -14.71 20.70 10.96
N GLU B 79 -15.18 19.60 11.55
CA GLU B 79 -14.34 18.77 12.41
C GLU B 79 -13.69 17.61 11.65
N THR B 80 -14.05 17.47 10.38
CA THR B 80 -13.54 16.40 9.53
C THR B 80 -12.05 16.54 9.28
N LEU B 81 -11.33 15.42 9.31
CA LEU B 81 -9.97 15.39 8.78
C LEU B 81 -10.07 14.80 7.37
N LEU B 82 -9.83 15.64 6.37
CA LEU B 82 -9.89 15.20 4.98
C LEU B 82 -8.53 14.66 4.53
N VAL B 83 -8.51 13.38 4.20
CA VAL B 83 -7.30 12.71 3.79
C VAL B 83 -7.31 12.50 2.28
N VAL B 84 -6.28 12.98 1.60
CA VAL B 84 -6.20 12.80 0.16
C VAL B 84 -4.93 12.05 -0.20
N PRO B 85 -5.04 10.75 -0.47
CA PRO B 85 -3.87 10.02 -0.95
C PRO B 85 -3.39 10.53 -2.30
N THR B 86 -2.10 10.65 -2.52
CA THR B 86 -1.39 11.25 -3.63
C THR B 86 0.08 10.95 -3.46
N PRO B 87 0.56 10.57 -4.77
CA PRO B 87 2.01 10.32 -4.80
C PRO B 87 2.79 11.56 -4.43
N ALA B 88 2.15 12.72 -4.48
CA ALA B 88 2.82 13.99 -4.19
C ALA B 88 2.57 14.47 -2.76
N GLY B 89 2.08 13.58 -1.90
CA GLY B 89 1.74 13.97 -0.54
C GLY B 89 2.89 13.98 0.45
N TYR B 90 2.60 14.50 1.63
CA TYR B 90 3.50 14.28 2.78
C TYR B 90 3.51 12.80 3.10
N PRO B 91 4.63 12.26 3.60
CA PRO B 91 4.63 10.81 3.86
C PRO B 91 3.65 10.41 4.96
N PHE B 92 2.90 9.34 4.72
CA PHE B 92 2.08 8.71 5.75
C PHE B 92 2.97 7.71 6.47
N THR B 93 3.18 7.92 7.76
CA THR B 93 4.02 7.06 8.58
C THR B 93 3.26 6.53 9.78
N GLN B 94 3.91 5.70 10.59
CA GLN B 94 3.29 5.23 11.81
C GLN B 94 2.97 6.39 12.74
N GLU B 95 3.79 7.45 12.71
CA GLU B 95 3.48 8.62 13.52
C GLU B 95 2.16 9.25 13.07
N THR B 96 1.95 9.31 11.76
CA THR B 96 0.68 9.79 11.22
C THR B 96 -0.48 8.92 11.69
N ALA B 97 -0.28 7.61 11.68
CA ALA B 97 -1.34 6.71 12.10
C ALA B 97 -1.71 6.95 13.56
N TRP B 98 -0.70 7.13 14.42
CA TRP B 98 -0.98 7.46 15.82
C TRP B 98 -1.75 8.78 15.91
N GLN B 99 -1.34 9.76 15.13
CA GLN B 99 -1.98 11.07 15.18
C GLN B 99 -3.46 10.98 14.79
N TRP B 100 -3.76 10.18 13.78
CA TRP B 100 -5.11 10.11 13.24
C TRP B 100 -6.00 9.15 14.03
N SER B 101 -5.40 8.32 14.88
CA SER B 101 -6.15 7.29 15.60
C SER B 101 -7.17 7.87 16.62
N THR B 102 -7.03 9.14 16.97
CA THR B 102 -7.94 9.74 17.94
C THR B 102 -8.91 10.73 17.29
N GLU B 103 -8.96 10.72 15.96
CA GLU B 103 -9.90 11.55 15.22
C GLU B 103 -11.32 10.99 15.26
N ASP B 104 -12.31 11.87 15.26
CA ASP B 104 -13.70 11.44 15.24
C ASP B 104 -14.18 11.07 13.85
N HIS B 105 -13.62 11.73 12.84
CA HIS B 105 -14.15 11.61 11.49
C HIS B 105 -13.06 11.78 10.44
N LEU B 106 -12.77 10.71 9.71
CA LEU B 106 -11.85 10.77 8.58
C LEU B 106 -12.65 10.66 7.30
N VAL B 107 -12.35 11.52 6.34
CA VAL B 107 -12.91 11.35 5.00
C VAL B 107 -11.74 11.15 4.04
N ILE B 108 -11.76 10.05 3.31
CA ILE B 108 -10.65 9.75 2.41
C ILE B 108 -11.10 9.91 0.96
N ALA B 109 -10.51 10.88 0.29
CA ALA B 109 -10.87 11.20 -1.09
C ALA B 109 -9.94 10.50 -2.06
N CYS B 110 -10.44 9.46 -2.73
CA CYS B 110 -9.59 8.67 -3.63
C CYS B 110 -9.55 9.20 -5.05
N GLY B 111 -8.37 9.62 -5.49
CA GLY B 111 -8.23 10.10 -6.84
C GLY B 111 -7.97 8.97 -7.82
N ARG B 112 -8.27 9.24 -9.08
CA ARG B 112 -7.90 8.38 -10.19
C ARG B 112 -7.30 9.28 -11.26
N TYR B 113 -7.08 8.71 -12.44
CA TYR B 113 -6.45 9.44 -13.53
C TYR B 113 -5.16 10.10 -13.03
N GLU B 114 -4.98 11.37 -13.36
CA GLU B 114 -3.76 12.07 -12.98
C GLU B 114 -3.93 12.90 -11.70
N GLY B 115 -5.01 12.64 -10.97
CA GLY B 115 -5.19 13.31 -9.70
C GLY B 115 -6.42 14.22 -9.72
N ILE B 116 -6.63 14.92 -8.61
CA ILE B 116 -7.80 15.78 -8.41
C ILE B 116 -7.38 17.23 -8.54
N ASP B 117 -8.18 18.03 -9.23
CA ASP B 117 -7.97 19.48 -9.34
C ASP B 117 -7.55 20.03 -7.98
N GLN B 118 -6.47 20.81 -7.93
CA GLN B 118 -5.91 21.25 -6.65
C GLN B 118 -6.90 22.12 -5.85
N ARG B 119 -7.81 22.78 -6.53
CA ARG B 119 -8.74 23.66 -5.82
C ARG B 119 -9.66 22.89 -4.86
N VAL B 120 -9.84 21.60 -5.08
CA VAL B 120 -10.67 20.81 -4.15
C VAL B 120 -10.06 20.86 -2.76
N ALA B 121 -8.78 20.51 -2.66
CA ALA B 121 -8.10 20.57 -1.37
C ALA B 121 -8.01 22.00 -0.85
N ASP B 122 -7.71 22.95 -1.74
CA ASP B 122 -7.65 24.36 -1.35
C ASP B 122 -8.95 24.85 -0.72
N ASP B 123 -10.06 24.57 -1.38
CA ASP B 123 -11.38 24.98 -0.90
C ASP B 123 -11.73 24.28 0.40
N ALA B 124 -11.45 22.98 0.48
CA ALA B 124 -11.76 22.23 1.69
C ALA B 124 -11.00 22.80 2.90
N ALA B 125 -9.77 23.22 2.67
CA ALA B 125 -8.92 23.71 3.74
C ALA B 125 -9.42 25.03 4.33
N THR B 126 -10.32 25.72 3.63
CA THR B 126 -10.93 26.94 4.17
C THR B 126 -11.95 26.62 5.27
N ARG B 127 -12.34 25.36 5.40
CA ARG B 127 -13.29 25.04 6.48
C ARG B 127 -12.99 23.78 7.28
N MET B 128 -12.05 22.97 6.83
CA MET B 128 -11.63 21.81 7.63
C MET B 128 -10.12 21.59 7.49
N ARG B 129 -9.60 20.64 8.25
CA ARG B 129 -8.19 20.28 8.14
C ARG B 129 -8.04 19.31 6.97
N VAL B 130 -6.98 19.50 6.18
CA VAL B 130 -6.76 18.69 4.99
C VAL B 130 -5.35 18.11 5.03
N ARG B 131 -5.21 16.83 4.72
CA ARG B 131 -3.89 16.20 4.69
C ARG B 131 -3.68 15.41 3.40
N GLU B 132 -2.80 15.90 2.54
CA GLU B 132 -2.39 15.15 1.36
C GLU B 132 -1.22 14.25 1.72
N VAL B 133 -1.36 12.94 1.51
CA VAL B 133 -0.33 12.01 1.98
C VAL B 133 -0.02 10.92 0.97
N SER B 134 1.22 10.45 1.01
CA SER B 134 1.65 9.33 0.19
CA SER B 134 1.63 9.32 0.20
C SER B 134 1.99 8.12 1.08
N ILE B 135 1.60 6.92 0.66
CA ILE B 135 1.96 5.74 1.45
C ILE B 135 3.28 5.13 0.99
N GLY B 136 3.79 5.59 -0.15
CA GLY B 136 5.08 5.09 -0.62
C GLY B 136 5.46 5.59 -2.00
N ASP B 137 6.72 5.36 -2.37
CA ASP B 137 7.23 5.80 -3.64
C ASP B 137 7.16 4.69 -4.67
N TYR B 138 5.96 4.41 -5.05
CA TYR B 138 5.61 3.51 -6.10
C TYR B 138 4.35 4.10 -6.75
N VAL B 139 4.07 3.67 -7.95
CA VAL B 139 2.94 4.22 -8.66
C VAL B 139 1.75 3.29 -8.71
N LEU B 140 0.65 3.76 -8.16
CA LEU B 140 -0.59 3.04 -8.14
C LEU B 140 -1.51 3.62 -9.20
N ASN B 141 -2.62 2.96 -9.46
CA ASN B 141 -3.50 3.54 -10.44
C ASN B 141 -4.46 4.52 -9.81
N GLY B 142 -4.56 4.51 -8.50
CA GLY B 142 -5.43 5.42 -7.83
C GLY B 142 -5.28 5.30 -6.33
N GLY B 143 -6.00 6.13 -5.60
CA GLY B 143 -5.89 6.13 -4.16
C GLY B 143 -6.58 5.06 -3.35
N GLU B 144 -7.32 4.18 -4.00
CA GLU B 144 -8.09 3.19 -3.25
C GLU B 144 -7.21 2.22 -2.45
N ALA B 145 -6.14 1.70 -3.06
CA ALA B 145 -5.23 0.82 -2.31
C ALA B 145 -4.58 1.56 -1.15
N ALA B 146 -4.22 2.82 -1.38
CA ALA B 146 -3.68 3.65 -0.31
C ALA B 146 -4.69 3.84 0.81
N ALA B 147 -5.96 4.07 0.46
CA ALA B 147 -7.02 4.18 1.46
C ALA B 147 -7.09 2.92 2.32
N LEU B 148 -6.98 1.74 1.71
CA LEU B 148 -7.01 0.51 2.48
C LEU B 148 -5.85 0.38 3.46
N VAL B 149 -4.67 0.77 3.03
CA VAL B 149 -3.49 0.77 3.91
C VAL B 149 -3.68 1.74 5.08
N ILE B 150 -4.13 2.95 4.76
CA ILE B 150 -4.31 3.97 5.80
C ILE B 150 -5.36 3.53 6.82
N ILE B 151 -6.47 3.00 6.32
CA ILE B 151 -7.54 2.55 7.22
C ILE B 151 -7.03 1.44 8.13
N GLU B 152 -6.27 0.51 7.60
CA GLU B 152 -5.81 -0.60 8.44
C GLU B 152 -4.82 -0.12 9.50
N ALA B 153 -3.88 0.74 9.08
CA ALA B 153 -2.87 1.25 10.00
C ALA B 153 -3.49 2.10 11.11
N VAL B 154 -4.52 2.88 10.77
CA VAL B 154 -5.15 3.74 11.76
C VAL B 154 -6.08 2.96 12.70
N LEU B 155 -6.91 2.10 12.14
CA LEU B 155 -7.93 1.42 12.94
C LEU B 155 -7.33 0.54 14.02
N ARG B 156 -6.15 -0.02 13.79
CA ARG B 156 -5.61 -0.94 14.78
C ARG B 156 -5.06 -0.18 15.99
N LEU B 157 -4.96 1.14 15.89
CA LEU B 157 -4.45 1.98 16.96
C LEU B 157 -5.56 2.65 17.75
N VAL B 158 -6.79 2.57 17.24
CA VAL B 158 -7.90 3.26 17.88
C VAL B 158 -8.10 2.66 19.27
N PRO B 159 -8.21 3.53 20.29
CA PRO B 159 -8.34 3.07 21.68
C PRO B 159 -9.51 2.12 21.83
N GLY B 160 -9.24 0.84 22.08
CA GLY B 160 -10.27 -0.18 22.14
C GLY B 160 -9.91 -1.42 21.36
N SER B 179 15.14 3.71 14.78
CA SER B 179 14.96 2.47 15.52
C SER B 179 15.39 1.24 14.71
N LEU B 180 14.72 0.11 14.93
CA LEU B 180 15.20 -1.18 14.44
C LEU B 180 14.10 -2.02 13.80
N LEU B 181 14.51 -2.89 12.89
CA LEU B 181 13.58 -3.83 12.28
C LEU B 181 13.37 -5.04 13.19
N GLU B 182 12.20 -5.66 13.08
CA GLU B 182 11.94 -6.87 13.83
C GLU B 182 12.82 -7.99 13.30
N GLY B 183 13.26 -8.85 14.21
CA GLY B 183 14.10 -9.98 13.82
C GLY B 183 13.25 -11.17 13.41
N PRO B 184 13.92 -12.30 13.15
CA PRO B 184 13.21 -13.52 12.73
C PRO B 184 12.45 -14.15 13.89
N SER B 185 11.36 -14.83 13.53
CA SER B 185 10.52 -15.54 14.50
CA SER B 185 10.55 -15.55 14.51
C SER B 185 10.50 -17.02 14.16
N TYR B 186 10.27 -17.86 15.17
CA TYR B 186 10.23 -19.31 14.96
C TYR B 186 9.17 -19.97 15.81
N THR B 187 8.62 -21.09 15.35
CA THR B 187 7.75 -21.88 16.20
C THR B 187 7.96 -23.37 15.91
N ARG B 188 7.10 -24.23 16.44
CA ARG B 188 7.32 -25.67 16.36
C ARG B 188 7.15 -26.22 14.94
N PRO B 189 7.90 -27.28 14.60
CA PRO B 189 8.84 -28.06 15.41
C PRO B 189 10.23 -27.44 15.47
N PRO B 190 11.03 -27.82 16.48
CA PRO B 190 12.34 -27.19 16.67
C PRO B 190 13.34 -27.57 15.56
N SER B 191 13.08 -28.65 14.86
CA SER B 191 13.84 -29.00 13.67
C SER B 191 12.87 -29.26 12.54
N TRP B 192 13.07 -28.59 11.41
CA TRP B 192 12.18 -28.73 10.25
C TRP B 192 13.01 -28.74 8.96
N ARG B 193 12.86 -29.80 8.16
CA ARG B 193 13.66 -30.01 6.95
C ARG B 193 15.16 -29.89 7.22
N GLY B 194 15.58 -30.31 8.40
CA GLY B 194 16.98 -30.23 8.76
C GLY B 194 17.45 -28.84 9.12
N MET B 195 16.50 -27.91 9.31
CA MET B 195 16.83 -26.57 9.77
C MET B 195 16.40 -26.37 11.21
N ASP B 196 17.35 -26.01 12.07
CA ASP B 196 17.07 -25.88 13.49
C ASP B 196 16.69 -24.46 13.87
N VAL B 197 15.74 -24.35 14.79
CA VAL B 197 15.51 -23.09 15.50
C VAL B 197 16.80 -22.76 16.23
N PRO B 198 17.26 -21.50 16.16
CA PRO B 198 18.48 -21.11 16.87
C PRO B 198 18.39 -21.54 18.34
N PRO B 199 19.36 -22.36 18.78
CA PRO B 199 19.34 -23.01 20.10
C PRO B 199 19.10 -22.05 21.26
N VAL B 200 19.57 -20.80 21.14
CA VAL B 200 19.42 -19.85 22.24
C VAL B 200 17.94 -19.61 22.55
N LEU B 201 17.08 -19.76 21.54
CA LEU B 201 15.65 -19.48 21.75
C LEU B 201 14.97 -20.60 22.54
N LEU B 202 15.63 -21.75 22.63
CA LEU B 202 15.12 -22.84 23.44
C LEU B 202 15.76 -22.86 24.83
N SER B 203 16.69 -21.95 25.09
CA SER B 203 17.50 -21.98 26.30
C SER B 203 16.77 -21.51 27.56
N GLY B 204 15.68 -20.77 27.40
CA GLY B 204 15.00 -20.18 28.53
C GLY B 204 15.81 -19.09 29.22
N ASP B 205 16.94 -18.71 28.63
CA ASP B 205 17.78 -17.63 29.17
C ASP B 205 17.35 -16.29 28.59
N HIS B 206 16.54 -15.55 29.35
CA HIS B 206 15.91 -14.33 28.84
C HIS B 206 16.91 -13.28 28.41
N ALA B 207 17.98 -13.09 29.18
CA ALA B 207 18.99 -12.10 28.83
C ALA B 207 19.69 -12.48 27.53
N LYS B 208 20.04 -13.75 27.39
CA LYS B 208 20.74 -14.20 26.19
C LYS B 208 19.82 -14.13 24.97
N ILE B 209 18.54 -14.39 25.18
CA ILE B 209 17.56 -14.33 24.10
C ILE B 209 17.38 -12.89 23.65
N ALA B 210 17.22 -11.98 24.61
CA ALA B 210 17.11 -10.56 24.28
C ALA B 210 18.34 -10.07 23.51
N ALA B 211 19.52 -10.50 23.95
CA ALA B 211 20.76 -10.07 23.31
C ALA B 211 20.84 -10.58 21.86
N TRP B 212 20.49 -11.85 21.66
CA TRP B 212 20.50 -12.45 20.33
C TRP B 212 19.52 -11.75 19.41
N ARG B 213 18.32 -11.46 19.93
CA ARG B 213 17.30 -10.80 19.14
C ARG B 213 17.75 -9.38 18.77
N ALA B 214 18.39 -8.69 19.70
CA ALA B 214 18.87 -7.35 19.42
C ALA B 214 19.91 -7.38 18.31
N GLU B 215 20.77 -8.39 18.34
CA GLU B 215 21.81 -8.54 17.33
C GLU B 215 21.25 -8.91 15.96
N GLN B 216 20.24 -9.79 15.93
CA GLN B 216 19.59 -10.11 14.64
C GLN B 216 18.94 -8.87 14.06
N SER B 217 18.28 -8.10 14.91
CA SER B 217 17.65 -6.84 14.51
CA SER B 217 17.65 -6.86 14.50
C SER B 217 18.67 -5.82 13.99
N ARG B 218 19.81 -5.73 14.67
CA ARG B 218 20.87 -4.83 14.22
C ARG B 218 21.35 -5.21 12.83
N GLN B 219 21.64 -6.50 12.63
CA GLN B 219 22.14 -6.98 11.33
C GLN B 219 21.12 -6.67 10.24
N ARG B 220 19.85 -6.96 10.53
CA ARG B 220 18.80 -6.80 9.55
C ARG B 220 18.60 -5.35 9.18
N THR B 221 18.64 -4.48 10.19
CA THR B 221 18.40 -3.07 9.94
C THR B 221 19.55 -2.47 9.14
N ILE B 222 20.79 -2.79 9.51
CA ILE B 222 21.94 -2.30 8.75
C ILE B 222 21.88 -2.73 7.28
N GLU B 223 21.48 -3.98 7.06
CA GLU B 223 21.46 -4.56 5.72
C GLU B 223 20.31 -4.04 4.85
N ARG B 224 19.13 -3.94 5.46
CA ARG B 224 17.89 -3.68 4.72
C ARG B 224 17.42 -2.24 4.82
N ARG B 225 17.66 -1.59 5.95
CA ARG B 225 17.13 -0.26 6.17
C ARG B 225 18.12 0.64 6.90
N PRO B 226 19.30 0.88 6.31
CA PRO B 226 20.34 1.67 6.98
C PRO B 226 19.87 3.08 7.29
N ASP B 227 18.90 3.57 6.54
CA ASP B 227 18.32 4.89 6.79
C ASP B 227 17.74 5.01 8.19
N LEU B 228 17.17 3.93 8.72
CA LEU B 228 16.57 3.99 10.06
C LEU B 228 17.61 4.29 11.15
N LEU B 229 18.87 3.95 10.89
CA LEU B 229 19.95 4.20 11.87
C LEU B 229 20.82 5.37 11.46
N GLY B 230 20.34 6.14 10.48
CA GLY B 230 21.04 7.35 10.07
C GLY B 230 22.25 7.12 9.16
N PHE B 231 22.17 6.12 8.29
CA PHE B 231 23.21 5.88 7.32
C PHE B 231 22.66 6.06 5.92
N ASP B 232 23.56 6.25 4.94
CA ASP B 232 23.14 6.41 3.55
C ASP B 232 22.36 5.20 3.05
N SER B 233 21.34 5.46 2.25
CA SER B 233 20.67 4.38 1.51
C SER B 233 21.48 4.02 0.29
N PRO B 234 21.44 2.74 -0.11
CA PRO B 234 22.21 2.25 -1.28
C PRO B 234 21.84 2.96 -2.58
C10 JBK C . 3.99 -4.13 6.88
O01 JBK C . 5.25 -2.89 4.71
N02 JBK C . 4.78 -4.15 4.57
O03 JBK C . 4.90 -4.72 3.50
C04 JBK C . 4.15 -4.78 5.67
C05 JBK C . 3.69 -6.07 5.52
C06 JBK C . 3.06 -6.71 6.58
C07 JBK C . 2.90 -6.06 7.79
C08 JBK C . 3.37 -4.77 7.94
O09 JBK C . 3.24 -4.08 9.14
N11 JBK C . 4.45 -2.80 7.09
C10 JBK D . 0.31 6.76 -4.82
O01 JBK D . -0.79 7.38 -1.38
N02 JBK D . 0.04 7.07 -2.41
O03 JBK D . 1.21 6.81 -2.22
C04 JBK D . -0.48 7.08 -3.73
C05 JBK D . -1.82 7.41 -3.90
C06 JBK D . -2.37 7.43 -5.19
C07 JBK D . -1.58 7.10 -6.27
C08 JBK D . -0.24 6.78 -6.10
O09 JBK D . 0.57 6.46 -7.20
N11 JBK D . 1.67 6.40 -4.68
S SO4 E . -9.65 22.20 -20.66
O1 SO4 E . -8.25 22.24 -21.11
O2 SO4 E . -9.68 22.27 -19.20
O3 SO4 E . -10.27 20.96 -21.10
O4 SO4 E . -10.38 23.32 -21.24
#